data_6BE0
#
_entry.id   6BE0
#
_cell.length_a   62.931
_cell.length_b   62.931
_cell.length_c   187.566
_cell.angle_alpha   90.00
_cell.angle_beta   90.00
_cell.angle_gamma   120.00
#
_symmetry.space_group_name_H-M   'P 31 2 1'
#
loop_
_entity.id
_entity.type
_entity.pdbx_description
1 polymer AvrA
2 non-polymer 'INOSITOL HEXAKISPHOSPHATE'
3 non-polymer 'COENZYME A'
4 water water
#
_entity_poly.entity_id   1
_entity_poly.type   'polypeptide(L)'
_entity_poly.pdbx_seq_one_letter_code
;SMIFSVQELSCGGKSMLSPTTRNMGASLSPQPDVSGELNTEALTRIVERLESEIIDGSWIHISYEETDLEMMPFLVAQAN
KKYPELNLKFVMSVHELVSSIKETRMEGVESARFLVNMGSSGIHISVVDFRVMDGKTSVILFEPAACSAFGPALALRTKA
ALEREQLPDCYFAMVELDIQRSSSECGIFSLALAKKLQLEFMNLVKIHEDNICERLCGEEPFLPSDKADRYLPVSFYKHT
QGAQRLNEYVEANPAAGSSIVNKKNETLYERFDNNAVMLNDKKLSISAHKKRIAEYKSLLKP
;
_entity_poly.pdbx_strand_id   A
#
loop_
_chem_comp.id
_chem_comp.type
_chem_comp.name
_chem_comp.formula
COA non-polymer 'COENZYME A' 'C21 H36 N7 O16 P3 S'
IHP non-polymer 'INOSITOL HEXAKISPHOSPHATE' 'C6 H18 O24 P6'
#
# COMPACT_ATOMS: atom_id res chain seq x y z
N GLU A 37 8.59 -14.26 18.84
CA GLU A 37 7.89 -15.49 19.20
C GLU A 37 7.15 -16.05 17.99
N LEU A 38 7.75 -15.95 16.81
CA LEU A 38 7.12 -16.47 15.60
C LEU A 38 6.93 -17.98 15.70
N ASN A 39 5.67 -18.40 15.73
CA ASN A 39 5.35 -19.83 15.74
C ASN A 39 5.46 -20.40 14.34
N THR A 40 6.63 -20.92 14.02
CA THR A 40 6.92 -21.40 12.66
C THR A 40 6.03 -22.57 12.27
N GLU A 41 5.77 -23.46 13.23
CA GLU A 41 4.90 -24.60 12.99
C GLU A 41 3.53 -24.15 12.50
N ALA A 42 2.94 -23.20 13.22
CA ALA A 42 1.62 -22.69 12.89
C ALA A 42 1.62 -21.97 11.56
N LEU A 43 2.66 -21.19 11.29
CA LEU A 43 2.76 -20.43 10.04
C LEU A 43 2.86 -21.37 8.85
N THR A 44 3.57 -22.48 9.02
CA THR A 44 3.75 -23.44 7.93
C THR A 44 2.40 -24.05 7.54
N ARG A 45 1.61 -24.40 8.54
CA ARG A 45 0.27 -24.92 8.30
C ARG A 45 -0.58 -23.88 7.57
N ILE A 46 -0.42 -22.62 7.97
CA ILE A 46 -1.17 -21.52 7.36
C ILE A 46 -0.86 -21.39 5.87
N VAL A 47 0.43 -21.42 5.53
CA VAL A 47 0.86 -21.28 4.14
C VAL A 47 0.18 -22.33 3.25
N GLU A 48 0.09 -23.56 3.74
CA GLU A 48 -0.52 -24.63 2.98
C GLU A 48 -2.00 -24.36 2.75
N ARG A 49 -2.68 -23.83 3.77
CA ARG A 49 -4.10 -23.50 3.64
C ARG A 49 -4.31 -22.42 2.60
N LEU A 50 -3.43 -21.43 2.57
CA LEU A 50 -3.53 -20.33 1.60
C LEU A 50 -3.45 -20.84 0.18
N GLU A 51 -2.49 -21.73 -0.07
CA GLU A 51 -2.31 -22.30 -1.40
C GLU A 51 -3.48 -23.20 -1.77
N SER A 52 -3.93 -23.99 -0.80
CA SER A 52 -5.08 -24.87 -1.01
C SER A 52 -6.33 -24.07 -1.35
N GLU A 53 -6.55 -22.98 -0.61
CA GLU A 53 -7.73 -22.15 -0.78
C GLU A 53 -7.74 -21.45 -2.14
N ILE A 54 -6.57 -21.27 -2.73
CA ILE A 54 -6.48 -20.72 -4.08
C ILE A 54 -6.91 -21.75 -5.11
N ILE A 55 -6.51 -23.00 -4.90
CA ILE A 55 -6.78 -24.06 -5.86
C ILE A 55 -8.25 -24.46 -5.89
N ASP A 56 -8.89 -24.52 -4.73
CA ASP A 56 -10.30 -24.93 -4.66
C ASP A 56 -11.24 -23.74 -4.85
N GLY A 57 -10.68 -22.54 -4.88
CA GLY A 57 -11.44 -21.34 -5.18
C GLY A 57 -12.16 -20.71 -4.00
N SER A 58 -11.94 -21.25 -2.81
CA SER A 58 -12.60 -20.74 -1.60
C SER A 58 -11.94 -19.47 -1.08
N TRP A 59 -10.81 -19.10 -1.68
CA TRP A 59 -10.07 -17.92 -1.25
C TRP A 59 -10.91 -16.66 -1.29
N ILE A 60 -11.84 -16.60 -2.24
CA ILE A 60 -12.56 -15.37 -2.51
C ILE A 60 -13.51 -14.96 -1.37
N HIS A 61 -14.03 -15.93 -0.65
CA HIS A 61 -14.94 -15.64 0.47
C HIS A 61 -14.32 -16.00 1.82
N ILE A 62 -12.99 -15.98 1.89
CA ILE A 62 -12.27 -16.09 3.15
C ILE A 62 -11.59 -14.76 3.47
N SER A 63 -11.63 -14.37 4.75
CA SER A 63 -10.97 -13.15 5.20
C SER A 63 -9.61 -13.47 5.81
N TYR A 64 -8.57 -12.80 5.31
CA TYR A 64 -7.20 -13.02 5.76
C TYR A 64 -6.68 -11.87 6.61
N GLU A 65 -7.52 -10.87 6.86
CA GLU A 65 -7.11 -9.65 7.56
C GLU A 65 -6.50 -9.95 8.92
N GLU A 66 -7.18 -10.77 9.69
CA GLU A 66 -6.75 -11.08 11.06
C GLU A 66 -5.36 -11.70 11.08
N THR A 67 -5.09 -12.60 10.13
CA THR A 67 -3.80 -13.26 10.06
C THR A 67 -2.72 -12.28 9.61
N ASP A 68 -3.05 -11.45 8.61
CA ASP A 68 -2.12 -10.41 8.16
C ASP A 68 -1.72 -9.52 9.32
N LEU A 69 -2.71 -9.10 10.12
CA LEU A 69 -2.44 -8.26 11.29
C LEU A 69 -1.46 -8.94 12.23
N GLU A 70 -1.70 -10.21 12.52
CA GLU A 70 -0.85 -10.96 13.44
C GLU A 70 0.58 -11.10 12.91
N MET A 71 0.69 -11.31 11.60
CA MET A 71 2.00 -11.53 10.98
C MET A 71 2.76 -10.24 10.72
N MET A 72 2.06 -9.12 10.77
CA MET A 72 2.60 -7.85 10.28
C MET A 72 3.90 -7.42 10.96
N PRO A 73 3.98 -7.55 12.30
CA PRO A 73 5.24 -7.17 12.97
C PRO A 73 6.45 -7.90 12.38
N PHE A 74 6.29 -9.18 12.10
CA PHE A 74 7.36 -9.97 11.51
C PHE A 74 7.61 -9.56 10.07
N LEU A 75 6.52 -9.30 9.34
CA LEU A 75 6.62 -8.91 7.94
C LEU A 75 7.30 -7.56 7.78
N VAL A 76 7.03 -6.66 8.73
CA VAL A 76 7.65 -5.35 8.72
C VAL A 76 9.13 -5.46 9.09
N ALA A 77 9.44 -6.27 10.09
CA ALA A 77 10.82 -6.53 10.49
C ALA A 77 11.61 -7.13 9.33
N GLN A 78 10.94 -8.01 8.59
CA GLN A 78 11.54 -8.65 7.43
C GLN A 78 11.86 -7.63 6.34
N ALA A 79 10.91 -6.74 6.08
CA ALA A 79 11.07 -5.73 5.04
C ALA A 79 12.22 -4.78 5.35
N ASN A 80 12.36 -4.42 6.63
CA ASN A 80 13.40 -3.49 7.05
C ASN A 80 14.80 -4.11 6.91
N LYS A 81 14.91 -5.39 7.22
CA LYS A 81 16.19 -6.07 7.08
C LYS A 81 16.59 -6.13 5.61
N LYS A 82 15.61 -6.43 4.76
CA LYS A 82 15.85 -6.47 3.31
C LYS A 82 16.20 -5.08 2.77
N TYR A 83 15.54 -4.05 3.28
CA TYR A 83 15.80 -2.68 2.84
C TYR A 83 16.04 -1.74 4.02
N PRO A 84 17.31 -1.57 4.41
CA PRO A 84 17.70 -0.73 5.56
C PRO A 84 17.27 0.74 5.46
N GLU A 85 17.07 1.24 4.24
CA GLU A 85 16.69 2.64 4.05
C GLU A 85 15.18 2.83 4.03
N LEU A 86 14.44 1.73 4.12
CA LEU A 86 12.99 1.74 4.04
C LEU A 86 12.35 2.53 5.19
N ASN A 87 12.84 2.31 6.41
CA ASN A 87 12.29 2.95 7.60
C ASN A 87 10.79 2.73 7.73
N LEU A 88 10.38 1.47 7.86
CA LEU A 88 8.96 1.14 7.99
C LEU A 88 8.58 0.92 9.45
N LYS A 89 7.47 1.52 9.85
CA LYS A 89 6.92 1.35 11.19
C LYS A 89 5.48 0.84 11.10
N PHE A 90 5.13 -0.10 11.97
CA PHE A 90 3.76 -0.58 12.06
C PHE A 90 3.07 0.07 13.27
N VAL A 91 2.01 0.81 12.99
CA VAL A 91 1.24 1.49 14.03
C VAL A 91 -0.19 0.96 14.01
N MET A 92 -0.81 0.94 15.18
CA MET A 92 -2.07 0.22 15.36
C MET A 92 -3.25 1.16 15.57
N SER A 93 -3.04 2.44 15.30
CA SER A 93 -4.12 3.43 15.36
C SER A 93 -3.68 4.74 14.70
N VAL A 94 -4.66 5.57 14.38
CA VAL A 94 -4.40 6.89 13.82
C VAL A 94 -3.60 7.75 14.79
N HIS A 95 -3.92 7.62 16.08
CA HIS A 95 -3.23 8.37 17.11
C HIS A 95 -1.75 7.97 17.18
N GLU A 96 -1.51 6.66 17.10
CA GLU A 96 -0.15 6.14 17.14
C GLU A 96 0.60 6.54 15.87
N LEU A 97 -0.13 6.73 14.78
CA LEU A 97 0.48 7.18 13.53
C LEU A 97 0.98 8.62 13.66
N VAL A 98 0.08 9.53 14.06
CA VAL A 98 0.41 10.96 14.05
C VAL A 98 1.46 11.27 15.10
N SER A 99 1.43 10.56 16.23
CA SER A 99 2.44 10.74 17.27
C SER A 99 3.78 10.16 16.81
N SER A 100 3.72 9.14 15.96
CA SER A 100 4.93 8.56 15.38
C SER A 100 5.47 9.47 14.29
N ILE A 101 4.58 10.14 13.57
CA ILE A 101 4.99 11.12 12.57
C ILE A 101 5.73 12.27 13.26
N LYS A 102 5.22 12.68 14.42
CA LYS A 102 5.87 13.73 15.20
C LYS A 102 7.26 13.28 15.66
N GLU A 103 7.35 12.06 16.16
CA GLU A 103 8.63 11.52 16.63
C GLU A 103 9.65 11.49 15.50
N THR A 104 9.24 10.96 14.36
CA THR A 104 10.13 10.77 13.22
C THR A 104 10.69 12.11 12.75
N ARG A 105 9.85 13.14 12.73
CA ARG A 105 10.29 14.48 12.36
C ARG A 105 11.29 15.01 13.38
N MET A 106 11.01 14.79 14.66
CA MET A 106 11.85 15.27 15.75
C MET A 106 13.25 14.68 15.69
N GLU A 107 13.35 13.41 15.30
CA GLU A 107 14.63 12.71 15.30
C GLU A 107 15.48 13.05 14.09
N GLY A 108 14.94 13.86 13.18
CA GLY A 108 15.69 14.33 12.03
C GLY A 108 15.59 13.43 10.82
N VAL A 109 14.79 12.36 10.94
CA VAL A 109 14.55 11.47 9.82
C VAL A 109 13.78 12.22 8.73
N GLU A 110 14.13 11.92 7.47
CA GLU A 110 13.63 12.69 6.34
C GLU A 110 12.84 11.81 5.37
N SER A 111 12.84 10.52 5.63
CA SER A 111 12.17 9.56 4.76
C SER A 111 11.74 8.33 5.57
N ALA A 112 10.43 8.11 5.64
CA ALA A 112 9.90 6.99 6.41
C ALA A 112 8.52 6.58 5.90
N ARG A 113 8.11 5.36 6.26
CA ARG A 113 6.80 4.86 5.89
C ARG A 113 6.11 4.24 7.09
N PHE A 114 4.78 4.21 7.04
CA PHE A 114 3.98 3.68 8.14
C PHE A 114 2.87 2.79 7.65
N LEU A 115 2.81 1.56 8.16
CA LEU A 115 1.61 0.74 8.02
C LEU A 115 0.72 1.05 9.21
N VAL A 116 -0.47 1.58 8.93
CA VAL A 116 -1.37 2.01 9.98
C VAL A 116 -2.71 1.27 9.90
N ASN A 117 -3.10 0.65 11.00
CA ASN A 117 -4.44 0.11 11.15
C ASN A 117 -5.38 1.22 11.57
N MET A 118 -6.20 1.69 10.64
CA MET A 118 -7.05 2.85 10.87
C MET A 118 -8.33 2.45 11.59
N GLY A 119 -8.71 1.19 11.46
CA GLY A 119 -9.93 0.70 12.08
C GLY A 119 -9.80 0.51 13.58
N SER A 120 -10.93 0.52 14.27
CA SER A 120 -10.98 0.22 15.69
C SER A 120 -11.49 -1.19 15.93
N SER A 121 -12.80 -1.38 15.76
CA SER A 121 -13.41 -2.70 15.90
C SER A 121 -13.23 -3.56 14.66
N GLY A 122 -12.29 -3.16 13.79
CA GLY A 122 -12.01 -3.90 12.58
C GLY A 122 -10.59 -3.62 12.12
N ILE A 123 -10.23 -4.20 10.98
CA ILE A 123 -8.89 -4.03 10.42
C ILE A 123 -8.93 -3.32 9.08
N HIS A 124 -8.27 -2.18 9.00
CA HIS A 124 -8.06 -1.49 7.74
C HIS A 124 -6.64 -0.92 7.72
N ILE A 125 -5.73 -1.67 7.10
CA ILE A 125 -4.33 -1.30 7.06
C ILE A 125 -4.01 -0.51 5.80
N SER A 126 -3.57 0.73 5.98
CA SER A 126 -3.13 1.58 4.88
C SER A 126 -1.63 1.85 5.00
N VAL A 127 -1.07 2.52 4.00
CA VAL A 127 0.34 2.91 4.04
C VAL A 127 0.48 4.41 3.90
N VAL A 128 1.37 5.00 4.70
CA VAL A 128 1.64 6.43 4.67
C VAL A 128 3.09 6.66 4.27
N ASP A 129 3.32 7.58 3.34
CA ASP A 129 4.67 7.98 2.97
C ASP A 129 5.02 9.30 3.61
N PHE A 130 6.18 9.34 4.26
CA PHE A 130 6.65 10.51 5.01
C PHE A 130 7.94 11.04 4.39
N ARG A 131 7.95 12.34 4.09
CA ARG A 131 9.08 12.96 3.40
C ARG A 131 9.24 14.42 3.80
N VAL A 132 10.38 14.78 4.37
CA VAL A 132 10.68 16.19 4.63
C VAL A 132 11.46 16.70 3.43
N MET A 133 11.06 17.87 2.95
CA MET A 133 11.57 18.42 1.71
C MET A 133 11.70 19.92 1.91
N ASP A 134 12.89 20.46 1.63
CA ASP A 134 13.21 21.82 2.03
C ASP A 134 13.09 21.89 3.55
N GLY A 135 12.16 22.68 4.06
CA GLY A 135 11.91 22.74 5.50
C GLY A 135 10.58 22.09 5.88
N LYS A 136 9.78 21.77 4.88
CA LYS A 136 8.39 21.40 5.10
C LYS A 136 8.20 19.88 5.11
N THR A 137 7.19 19.43 5.86
CA THR A 137 6.92 18.01 6.04
C THR A 137 5.73 17.55 5.19
N SER A 138 5.96 16.49 4.41
CA SER A 138 4.91 15.93 3.56
C SER A 138 4.46 14.57 4.08
N VAL A 139 3.15 14.42 4.22
CA VAL A 139 2.55 13.17 4.68
C VAL A 139 1.45 12.76 3.71
N ILE A 140 1.61 11.62 3.06
CA ILE A 140 0.63 11.15 2.09
C ILE A 140 0.11 9.76 2.46
N LEU A 141 -1.20 9.69 2.70
CA LEU A 141 -1.87 8.43 3.01
C LEU A 141 -2.37 7.78 1.73
N PHE A 142 -1.91 6.57 1.46
CA PHE A 142 -2.34 5.84 0.28
C PHE A 142 -3.36 4.77 0.64
N GLU A 143 -4.54 4.86 0.01
CA GLU A 143 -5.58 3.86 0.15
C GLU A 143 -5.57 2.96 -1.08
N PRO A 144 -5.25 1.67 -0.91
CA PRO A 144 -5.23 0.78 -2.08
C PRO A 144 -6.59 0.64 -2.75
N ALA A 145 -7.67 0.70 -1.97
CA ALA A 145 -9.02 0.56 -2.50
C ALA A 145 -9.61 1.91 -2.88
N ALA A 146 -10.90 1.93 -3.16
CA ALA A 146 -11.60 3.15 -3.57
C ALA A 146 -12.01 3.97 -2.34
N CYS A 147 -12.42 5.22 -2.58
CA CYS A 147 -12.80 6.12 -1.50
C CYS A 147 -14.07 6.91 -1.83
N SER A 148 -14.85 6.40 -2.78
CA SER A 148 -16.04 7.11 -3.25
C SER A 148 -17.07 7.33 -2.14
N ALA A 149 -17.20 6.37 -1.25
CA ALA A 149 -18.23 6.41 -0.21
C ALA A 149 -17.96 7.49 0.84
N PHE A 150 -17.00 7.23 1.74
CA PHE A 150 -16.71 8.12 2.85
C PHE A 150 -15.30 8.70 2.79
N GLY A 151 -14.76 8.78 1.58
CA GLY A 151 -13.41 9.30 1.38
C GLY A 151 -13.19 10.66 2.01
N PRO A 152 -14.00 11.66 1.62
CA PRO A 152 -13.85 13.03 2.12
C PRO A 152 -13.81 13.11 3.65
N ALA A 153 -14.74 12.44 4.31
CA ALA A 153 -14.81 12.47 5.77
C ALA A 153 -13.55 11.91 6.41
N LEU A 154 -13.13 10.73 5.94
CA LEU A 154 -11.96 10.06 6.50
C LEU A 154 -10.69 10.89 6.29
N ALA A 155 -10.60 11.54 5.14
CA ALA A 155 -9.45 12.40 4.84
C ALA A 155 -9.38 13.57 5.81
N LEU A 156 -10.53 14.18 6.09
CA LEU A 156 -10.61 15.30 7.02
C LEU A 156 -10.33 14.85 8.44
N ARG A 157 -10.76 13.64 8.77
CA ARG A 157 -10.55 13.09 10.11
C ARG A 157 -9.06 12.91 10.38
N THR A 158 -8.36 12.36 9.40
CA THR A 158 -6.94 12.09 9.53
C THR A 158 -6.12 13.37 9.48
N LYS A 159 -6.54 14.31 8.63
CA LYS A 159 -5.89 15.60 8.53
C LYS A 159 -5.94 16.33 9.86
N ALA A 160 -7.10 16.33 10.49
CA ALA A 160 -7.30 17.02 11.76
C ALA A 160 -6.52 16.37 12.88
N ALA A 161 -6.44 15.03 12.85
CA ALA A 161 -5.69 14.28 13.84
C ALA A 161 -4.22 14.71 13.82
N LEU A 162 -3.71 14.92 12.61
CA LEU A 162 -2.32 15.32 12.44
C LEU A 162 -2.09 16.78 12.84
N GLU A 163 -3.07 17.64 12.53
CA GLU A 163 -3.00 19.04 12.90
C GLU A 163 -2.87 19.22 14.41
N ARG A 164 -3.50 18.32 15.18
CA ARG A 164 -3.48 18.41 16.63
C ARG A 164 -2.08 18.18 17.21
N GLU A 165 -1.25 17.44 16.50
CA GLU A 165 0.14 17.24 16.92
C GLU A 165 0.94 18.53 16.73
N GLN A 166 0.38 19.45 15.95
CA GLN A 166 0.98 20.76 15.70
C GLN A 166 2.41 20.66 15.21
N LEU A 167 2.57 20.16 13.98
CA LEU A 167 3.86 20.17 13.29
C LEU A 167 3.91 21.40 12.39
N PRO A 168 4.98 22.21 12.50
CA PRO A 168 5.05 23.37 11.62
C PRO A 168 5.28 22.98 10.17
N ASP A 169 4.70 23.74 9.25
CA ASP A 169 4.85 23.50 7.81
C ASP A 169 4.65 22.03 7.45
N CYS A 170 3.57 21.44 7.97
CA CYS A 170 3.25 20.05 7.73
C CYS A 170 2.02 19.95 6.82
N TYR A 171 2.18 19.26 5.69
CA TYR A 171 1.13 19.17 4.69
C TYR A 171 0.68 17.72 4.48
N PHE A 172 -0.63 17.51 4.48
CA PHE A 172 -1.22 16.18 4.40
C PHE A 172 -2.08 16.01 3.16
N ALA A 173 -2.05 14.80 2.59
CA ALA A 173 -2.88 14.46 1.45
C ALA A 173 -3.24 12.98 1.49
N MET A 174 -4.43 12.65 1.02
CA MET A 174 -4.89 11.27 0.94
C MET A 174 -5.08 10.90 -0.53
N VAL A 175 -4.57 9.75 -0.92
CA VAL A 175 -4.57 9.34 -2.33
C VAL A 175 -5.37 8.05 -2.51
N GLU A 176 -6.37 8.12 -3.39
CA GLU A 176 -7.14 6.96 -3.79
C GLU A 176 -6.44 6.25 -4.94
N LEU A 177 -6.27 4.93 -4.81
CA LEU A 177 -5.63 4.14 -5.86
C LEU A 177 -6.63 3.29 -6.62
N ASP A 178 -7.58 2.71 -5.89
CA ASP A 178 -8.57 1.81 -6.47
C ASP A 178 -7.89 0.72 -7.30
N ILE A 179 -6.98 -0.01 -6.67
CA ILE A 179 -6.33 -1.16 -7.30
C ILE A 179 -6.62 -2.42 -6.52
N GLN A 180 -7.08 -2.27 -5.29
CA GLN A 180 -7.58 -3.39 -4.50
C GLN A 180 -9.09 -3.50 -4.68
N ARG A 181 -9.54 -4.71 -4.99
CA ARG A 181 -10.96 -4.99 -5.14
C ARG A 181 -11.36 -6.18 -4.27
N SER A 182 -10.38 -7.04 -3.97
CA SER A 182 -10.62 -8.17 -3.08
C SER A 182 -10.93 -7.65 -1.68
N SER A 183 -11.50 -8.51 -0.84
CA SER A 183 -12.15 -8.06 0.39
C SER A 183 -11.23 -7.89 1.60
N SER A 184 -10.09 -8.56 1.61
CA SER A 184 -9.27 -8.68 2.82
C SER A 184 -7.76 -8.55 2.59
N GLU A 185 -7.36 -7.83 1.54
CA GLU A 185 -5.96 -7.75 1.16
C GLU A 185 -5.32 -6.39 1.43
N CYS A 186 -5.93 -5.61 2.33
CA CYS A 186 -5.43 -4.27 2.63
C CYS A 186 -3.99 -4.30 3.14
N GLY A 187 -3.69 -5.27 3.99
CA GLY A 187 -2.36 -5.41 4.55
C GLY A 187 -1.29 -5.71 3.52
N ILE A 188 -1.58 -6.63 2.60
CA ILE A 188 -0.60 -7.03 1.59
C ILE A 188 -0.30 -5.88 0.63
N PHE A 189 -1.35 -5.21 0.17
CA PHE A 189 -1.19 -4.07 -0.72
C PHE A 189 -0.34 -2.98 -0.07
N SER A 190 -0.64 -2.68 1.19
CA SER A 190 0.06 -1.61 1.89
C SER A 190 1.52 -1.96 2.14
N LEU A 191 1.77 -3.23 2.46
CA LEU A 191 3.13 -3.71 2.71
C LEU A 191 3.95 -3.65 1.43
N ALA A 192 3.36 -4.06 0.32
CA ALA A 192 4.04 -4.04 -0.97
C ALA A 192 4.33 -2.61 -1.40
N LEU A 193 3.32 -1.75 -1.32
CA LEU A 193 3.47 -0.35 -1.68
C LEU A 193 4.53 0.33 -0.83
N ALA A 194 4.59 -0.04 0.45
CA ALA A 194 5.58 0.53 1.36
C ALA A 194 6.99 0.34 0.83
N LYS A 195 7.28 -0.86 0.34
CA LYS A 195 8.59 -1.17 -0.20
C LYS A 195 8.82 -0.45 -1.53
N LYS A 196 7.75 -0.29 -2.31
CA LYS A 196 7.84 0.43 -3.58
C LYS A 196 8.03 1.94 -3.36
N LEU A 197 7.46 2.46 -2.28
CA LEU A 197 7.64 3.87 -1.94
C LEU A 197 9.11 4.19 -1.72
N GLN A 198 9.86 3.20 -1.25
CA GLN A 198 11.30 3.35 -1.06
C GLN A 198 12.04 3.27 -2.39
N LEU A 199 11.72 2.25 -3.18
CA LEU A 199 12.42 1.99 -4.42
C LEU A 199 12.14 3.06 -5.47
N GLU A 200 10.97 3.69 -5.39
CA GLU A 200 10.57 4.71 -6.34
C GLU A 200 10.73 6.11 -5.73
N PHE A 201 11.75 6.25 -4.88
CA PHE A 201 11.98 7.49 -4.14
C PHE A 201 11.97 8.72 -5.05
N MET A 202 12.84 8.72 -6.06
CA MET A 202 12.95 9.87 -6.96
C MET A 202 11.67 10.10 -7.76
N ASN A 203 11.03 9.01 -8.20
CA ASN A 203 9.81 9.12 -8.98
C ASN A 203 8.64 9.70 -8.18
N LEU A 204 8.82 9.77 -6.86
CA LEU A 204 7.75 10.25 -5.96
C LEU A 204 8.05 11.63 -5.41
N VAL A 205 9.11 12.27 -5.90
CA VAL A 205 9.43 13.62 -5.47
C VAL A 205 8.31 14.58 -5.85
N LYS A 206 7.82 14.46 -7.08
CA LYS A 206 6.85 15.41 -7.61
C LYS A 206 5.55 15.46 -6.80
N ILE A 207 5.00 14.30 -6.44
CA ILE A 207 3.73 14.26 -5.72
C ILE A 207 3.91 14.84 -4.31
N HIS A 208 5.09 14.61 -3.72
CA HIS A 208 5.40 15.19 -2.42
C HIS A 208 5.61 16.69 -2.54
N GLU A 209 6.19 17.10 -3.66
CA GLU A 209 6.46 18.51 -3.92
C GLU A 209 5.16 19.28 -4.10
N ASP A 210 4.24 18.70 -4.87
CA ASP A 210 2.95 19.34 -5.12
C ASP A 210 2.07 19.32 -3.88
N ASN A 211 2.26 18.33 -3.02
CA ASN A 211 1.56 18.29 -1.74
C ASN A 211 1.98 19.46 -0.86
N ILE A 212 3.29 19.69 -0.81
CA ILE A 212 3.86 20.78 -0.01
C ILE A 212 3.44 22.14 -0.56
N CYS A 213 3.48 22.27 -1.88
CA CYS A 213 3.14 23.54 -2.53
C CYS A 213 1.63 23.69 -2.66
N GLU A 214 0.89 22.70 -2.17
CA GLU A 214 -0.56 22.72 -2.19
C GLU A 214 -1.08 22.84 -3.63
N ARG A 215 -0.53 22.01 -4.51
CA ARG A 215 -0.94 21.95 -5.90
C ARG A 215 -1.42 20.55 -6.27
N LEU A 216 -1.67 19.73 -5.26
CA LEU A 216 -2.00 18.32 -5.48
C LEU A 216 -3.51 18.10 -5.50
N CYS A 217 -4.16 18.32 -4.36
CA CYS A 217 -5.59 18.09 -4.23
C CYS A 217 -6.39 19.35 -4.52
N GLY A 218 -5.91 20.47 -4.00
CA GLY A 218 -6.61 21.74 -4.16
C GLY A 218 -7.98 21.71 -3.51
N GLU A 219 -9.01 22.07 -4.27
CA GLU A 219 -10.37 22.14 -3.76
C GLU A 219 -10.87 20.78 -3.28
N GLU A 220 -10.56 19.73 -4.04
CA GLU A 220 -11.04 18.39 -3.71
C GLU A 220 -10.43 17.90 -2.39
N PRO A 221 -11.18 17.09 -1.63
CA PRO A 221 -10.72 16.65 -0.31
C PRO A 221 -9.52 15.70 -0.39
N PHE A 222 -9.63 14.67 -1.23
CA PHE A 222 -8.54 13.74 -1.45
C PHE A 222 -8.21 13.69 -2.94
N LEU A 223 -7.15 12.97 -3.28
CA LEU A 223 -6.73 12.85 -4.67
C LEU A 223 -7.38 11.62 -5.32
N PRO A 224 -8.22 11.83 -6.34
CA PRO A 224 -8.87 10.68 -6.97
C PRO A 224 -7.88 9.83 -7.77
N SER A 225 -8.29 8.63 -8.16
CA SER A 225 -7.38 7.67 -8.79
C SER A 225 -6.84 8.15 -10.13
N ASP A 226 -7.69 8.75 -10.95
CA ASP A 226 -7.26 9.19 -12.28
C ASP A 226 -6.16 10.25 -12.18
N LYS A 227 -6.23 11.06 -11.13
CA LYS A 227 -5.19 12.05 -10.88
C LYS A 227 -3.91 11.38 -10.38
N ALA A 228 -4.09 10.34 -9.57
CA ALA A 228 -2.95 9.61 -9.00
C ALA A 228 -2.15 8.89 -10.09
N ASP A 229 -2.84 8.44 -11.14
CA ASP A 229 -2.19 7.72 -12.22
C ASP A 229 -1.16 8.60 -12.95
N ARG A 230 -1.37 9.91 -12.90
CA ARG A 230 -0.46 10.84 -13.56
C ARG A 230 0.82 11.07 -12.73
N TYR A 231 0.76 10.72 -11.45
CA TYR A 231 1.87 10.95 -10.54
C TYR A 231 2.71 9.69 -10.32
N LEU A 232 2.04 8.55 -10.14
CA LEU A 232 2.69 7.35 -9.62
C LEU A 232 3.27 6.46 -10.72
N PRO A 233 4.36 5.75 -10.41
CA PRO A 233 5.05 4.89 -11.37
C PRO A 233 4.37 3.54 -11.57
N VAL A 234 4.84 2.79 -12.56
CA VAL A 234 4.20 1.54 -12.98
C VAL A 234 4.25 0.47 -11.88
N SER A 235 5.33 0.46 -11.12
CA SER A 235 5.56 -0.59 -10.13
C SER A 235 4.49 -0.64 -9.04
N PHE A 236 3.70 0.43 -8.92
CA PHE A 236 2.63 0.49 -7.92
C PHE A 236 1.41 -0.34 -8.34
N TYR A 237 1.31 -0.64 -9.63
CA TYR A 237 0.10 -1.24 -10.19
C TYR A 237 0.28 -2.70 -10.58
N LYS A 238 1.33 -3.34 -10.07
CA LYS A 238 1.61 -4.73 -10.43
C LYS A 238 0.53 -5.67 -9.90
N HIS A 239 -0.07 -5.32 -8.77
CA HIS A 239 -1.09 -6.17 -8.14
C HIS A 239 -2.51 -5.67 -8.41
N THR A 240 -2.65 -4.76 -9.37
CA THR A 240 -3.97 -4.22 -9.72
C THR A 240 -4.96 -5.34 -10.01
N GLN A 241 -6.09 -5.29 -9.32
CA GLN A 241 -7.13 -6.31 -9.44
C GLN A 241 -8.25 -5.82 -10.37
N GLY A 242 -7.95 -5.75 -11.66
CA GLY A 242 -8.91 -5.28 -12.64
C GLY A 242 -8.25 -4.89 -13.94
N ALA A 243 -8.61 -5.57 -15.01
CA ALA A 243 -8.05 -5.30 -16.34
C ALA A 243 -8.43 -3.90 -16.80
N GLN A 244 -9.66 -3.50 -16.53
CA GLN A 244 -10.14 -2.16 -16.88
C GLN A 244 -9.33 -1.10 -16.15
N ARG A 245 -9.03 -1.37 -14.89
CA ARG A 245 -8.26 -0.42 -14.07
C ARG A 245 -6.87 -0.21 -14.63
N LEU A 246 -6.27 -1.29 -15.14
CA LEU A 246 -4.96 -1.20 -15.76
C LEU A 246 -5.04 -0.42 -17.07
N ASN A 247 -6.11 -0.63 -17.83
CA ASN A 247 -6.32 0.09 -19.07
C ASN A 247 -6.43 1.59 -18.82
N GLU A 248 -6.94 1.96 -17.65
CA GLU A 248 -7.07 3.36 -17.29
C GLU A 248 -5.72 3.97 -16.94
N TYR A 249 -4.82 3.15 -16.40
CA TYR A 249 -3.50 3.63 -16.02
C TYR A 249 -2.61 3.83 -17.25
N VAL A 250 -2.63 2.88 -18.17
CA VAL A 250 -1.79 2.95 -19.36
C VAL A 250 -2.27 4.05 -20.32
N GLU A 251 -3.54 4.44 -20.20
CA GLU A 251 -4.06 5.54 -20.99
C GLU A 251 -3.44 6.85 -20.52
N ALA A 252 -3.03 6.88 -19.26
CA ALA A 252 -2.32 8.01 -18.69
C ALA A 252 -0.81 7.85 -18.82
N ASN A 253 -0.38 6.62 -19.12
CA ASN A 253 1.03 6.30 -19.29
C ASN A 253 1.22 5.27 -20.40
N PRO A 254 1.11 5.70 -21.67
CA PRO A 254 1.16 4.83 -22.85
C PRO A 254 2.26 3.75 -22.80
N ALA A 255 3.42 4.11 -22.28
CA ALA A 255 4.57 3.21 -22.27
C ALA A 255 4.43 2.13 -21.20
N ALA A 256 3.58 2.38 -20.20
CA ALA A 256 3.43 1.47 -19.06
C ALA A 256 2.97 0.08 -19.48
N GLY A 257 2.25 0.00 -20.59
CA GLY A 257 1.74 -1.27 -21.09
C GLY A 257 2.86 -2.25 -21.40
N SER A 258 3.87 -1.76 -22.12
CA SER A 258 4.98 -2.60 -22.57
C SER A 258 6.25 -2.37 -21.76
N SER A 259 6.09 -2.05 -20.47
CA SER A 259 7.23 -1.85 -19.59
C SER A 259 7.48 -3.09 -18.73
N ILE A 260 8.73 -3.55 -18.69
CA ILE A 260 9.10 -4.67 -17.83
C ILE A 260 8.94 -4.26 -16.38
N VAL A 261 8.35 -5.13 -15.57
CA VAL A 261 8.04 -4.82 -14.18
C VAL A 261 8.72 -5.77 -13.19
N ASN A 262 9.50 -6.72 -13.71
CA ASN A 262 10.21 -7.66 -12.84
C ASN A 262 11.38 -8.36 -13.52
N LYS A 263 12.09 -9.20 -12.78
CA LYS A 263 13.25 -9.91 -13.29
C LYS A 263 12.87 -11.06 -14.21
N LYS A 264 11.57 -11.33 -14.31
CA LYS A 264 11.07 -12.38 -15.20
C LYS A 264 10.77 -11.81 -16.58
N ASN A 265 11.19 -10.57 -16.81
CA ASN A 265 11.06 -9.92 -18.11
C ASN A 265 9.66 -10.01 -18.70
N GLU A 266 8.65 -9.80 -17.85
CA GLU A 266 7.27 -9.75 -18.31
C GLU A 266 6.71 -8.35 -18.07
N THR A 267 5.90 -7.89 -19.01
CA THR A 267 5.33 -6.55 -18.94
C THR A 267 4.24 -6.48 -17.87
N LEU A 268 3.74 -5.28 -17.63
CA LEU A 268 2.65 -5.07 -16.69
C LEU A 268 1.45 -5.93 -17.05
N TYR A 269 1.12 -5.96 -18.35
CA TYR A 269 0.00 -6.76 -18.84
C TYR A 269 0.30 -8.25 -18.78
N GLU A 270 1.50 -8.62 -19.22
CA GLU A 270 1.89 -10.03 -19.24
C GLU A 270 1.87 -10.60 -17.83
N ARG A 271 2.27 -9.80 -16.85
CA ARG A 271 2.27 -10.24 -15.46
C ARG A 271 0.85 -10.37 -14.92
N PHE A 272 -0.01 -9.43 -15.28
CA PHE A 272 -1.40 -9.45 -14.83
C PHE A 272 -2.08 -10.76 -15.21
N ASP A 273 -1.81 -11.22 -16.44
CA ASP A 273 -2.39 -12.46 -16.94
C ASP A 273 -1.76 -13.68 -16.27
N ASN A 274 -0.46 -13.61 -15.98
CA ASN A 274 0.24 -14.75 -15.39
C ASN A 274 -0.08 -14.94 -13.91
N ASN A 275 -0.94 -14.07 -13.37
CA ASN A 275 -1.37 -14.18 -11.98
C ASN A 275 -2.88 -14.04 -11.87
N ALA A 276 -3.59 -14.63 -12.83
CA ALA A 276 -5.04 -14.56 -12.87
C ALA A 276 -5.66 -15.96 -12.84
N VAL A 277 -6.95 -16.01 -12.51
CA VAL A 277 -7.69 -17.27 -12.41
C VAL A 277 -9.10 -17.06 -12.95
N MET A 278 -9.72 -18.14 -13.41
CA MET A 278 -11.11 -18.11 -13.85
C MET A 278 -12.03 -18.69 -12.78
N LEU A 279 -13.02 -17.90 -12.38
CA LEU A 279 -14.09 -18.38 -11.51
C LEU A 279 -15.43 -17.87 -12.03
N ASN A 280 -16.28 -18.81 -12.44
CA ASN A 280 -17.59 -18.48 -13.00
C ASN A 280 -17.49 -17.54 -14.20
N ASP A 281 -16.63 -17.91 -15.16
CA ASP A 281 -16.47 -17.17 -16.40
C ASP A 281 -16.09 -15.71 -16.18
N LYS A 282 -15.34 -15.44 -15.13
CA LYS A 282 -14.84 -14.10 -14.84
C LYS A 282 -13.38 -14.15 -14.44
N LYS A 283 -12.54 -13.41 -15.16
CA LYS A 283 -11.11 -13.41 -14.90
C LYS A 283 -10.76 -12.55 -13.70
N LEU A 284 -10.29 -13.19 -12.64
CA LEU A 284 -9.89 -12.50 -11.41
C LEU A 284 -8.39 -12.62 -11.19
N SER A 285 -7.84 -11.67 -10.45
CA SER A 285 -6.41 -11.68 -10.11
C SER A 285 -6.20 -12.20 -8.70
N ILE A 286 -5.31 -13.19 -8.57
CA ILE A 286 -4.90 -13.70 -7.27
C ILE A 286 -3.47 -13.27 -6.98
N SER A 287 -3.06 -12.15 -7.57
CA SER A 287 -1.68 -11.68 -7.43
C SER A 287 -1.37 -11.34 -5.98
N ALA A 288 -2.22 -10.54 -5.36
CA ALA A 288 -2.05 -10.15 -3.96
C ALA A 288 -2.08 -11.37 -3.05
N HIS A 289 -2.97 -12.31 -3.34
CA HIS A 289 -3.07 -13.53 -2.55
C HIS A 289 -1.80 -14.37 -2.66
N LYS A 290 -1.20 -14.37 -3.84
CA LYS A 290 0.07 -15.06 -4.04
C LYS A 290 1.20 -14.32 -3.33
N LYS A 291 1.10 -12.99 -3.27
CA LYS A 291 2.12 -12.19 -2.61
C LYS A 291 2.13 -12.47 -1.10
N ARG A 292 0.96 -12.66 -0.53
CA ARG A 292 0.85 -13.04 0.89
C ARG A 292 1.64 -14.31 1.15
N ILE A 293 1.48 -15.28 0.25
CA ILE A 293 2.16 -16.56 0.38
C ILE A 293 3.67 -16.38 0.30
N ALA A 294 4.12 -15.57 -0.64
CA ALA A 294 5.55 -15.28 -0.77
C ALA A 294 6.08 -14.65 0.51
N GLU A 295 5.36 -13.64 1.00
CA GLU A 295 5.74 -12.93 2.21
C GLU A 295 5.84 -13.86 3.42
N TYR A 296 4.87 -14.75 3.56
CA TYR A 296 4.86 -15.71 4.67
C TYR A 296 6.02 -16.70 4.54
N LYS A 297 6.22 -17.21 3.34
CA LYS A 297 7.27 -18.20 3.10
C LYS A 297 8.65 -17.63 3.41
N SER A 298 8.83 -16.34 3.18
CA SER A 298 10.11 -15.69 3.44
C SER A 298 10.47 -15.72 4.92
N LEU A 299 9.45 -15.67 5.77
CA LEU A 299 9.66 -15.74 7.22
C LEU A 299 10.16 -17.12 7.64
N LEU A 300 9.80 -18.13 6.86
CA LEU A 300 10.21 -19.50 7.14
C LEU A 300 11.64 -19.77 6.67
N LYS A 301 12.06 -19.07 5.62
CA LYS A 301 13.39 -19.26 5.07
C LYS A 301 14.47 -18.79 6.06
N PRO A 302 15.49 -19.63 6.30
CA PRO A 302 16.54 -19.26 7.25
C PRO A 302 17.46 -18.18 6.70
C1 IHP B . 10.86 -7.68 -6.14
C2 IHP B . 9.49 -7.59 -5.48
C3 IHP B . 8.45 -8.31 -6.31
C4 IHP B . 8.86 -9.74 -6.60
C5 IHP B . 10.13 -9.71 -7.43
C6 IHP B . 11.27 -9.06 -6.65
O11 IHP B . 11.83 -7.19 -5.23
P1 IHP B . 12.39 -5.71 -5.44
O21 IHP B . 12.56 -5.04 -4.10
O31 IHP B . 11.44 -4.89 -6.28
O41 IHP B . 13.74 -5.79 -6.14
O12 IHP B . 9.56 -8.14 -4.15
P2 IHP B . 9.28 -7.22 -2.90
O22 IHP B . 10.15 -5.98 -2.95
O32 IHP B . 7.84 -6.78 -2.87
O42 IHP B . 9.60 -7.97 -1.63
O13 IHP B . 7.19 -8.28 -5.63
P3 IHP B . 6.01 -7.40 -6.21
O23 IHP B . 5.25 -6.74 -5.09
O33 IHP B . 6.53 -6.31 -7.13
O43 IHP B . 5.05 -8.27 -6.98
O14 IHP B . 7.79 -10.46 -7.23
P4 IHP B . 7.29 -10.22 -8.74
O24 IHP B . 5.78 -10.18 -8.78
O34 IHP B . 7.82 -8.92 -9.31
O44 IHP B . 7.74 -11.35 -9.62
O15 IHP B . 10.51 -11.02 -7.87
P5 IHP B . 11.26 -11.17 -9.25
O25 IHP B . 11.80 -9.83 -9.71
O35 IHP B . 12.41 -12.14 -9.09
O45 IHP B . 10.32 -11.70 -10.30
O16 IHP B . 11.65 -9.90 -5.56
P6 IHP B . 13.17 -10.24 -5.37
O26 IHP B . 13.32 -11.35 -4.36
O36 IHP B . 13.77 -10.67 -6.68
O46 IHP B . 13.91 -9.03 -4.85
H1 IHP B . 10.86 -7.07 -6.92
H2 IHP B . 9.23 -6.63 -5.41
H3 IHP B . 8.35 -7.84 -7.16
H4 IHP B . 9.07 -10.17 -5.75
H5 IHP B . 9.96 -9.15 -8.23
H6 IHP B . 12.04 -8.96 -7.26
N1A COA C . -10.81 -10.19 -6.73
C2A COA C . -10.27 -9.73 -7.91
N3A COA C . -10.93 -8.80 -8.65
C4A COA C . -12.13 -8.30 -8.23
C5A COA C . -12.67 -8.74 -7.07
C6A COA C . -11.99 -9.69 -6.32
N6A COA C . -12.00 -10.49 -5.14
N7A COA C . -13.86 -8.10 -6.89
C8A COA C . -14.04 -7.25 -7.94
N9A COA C . -12.99 -7.37 -8.76
C1B COA C . -12.75 -6.68 -9.99
C2B COA C . -12.93 -7.48 -11.02
O2B COA C . -11.65 -8.02 -11.47
C3B COA C . -13.59 -6.55 -12.18
O3B COA C . -12.60 -5.73 -12.79
P3B COA C . -12.30 -5.92 -14.37
O7A COA C . -11.58 -7.22 -14.60
O8A COA C . -13.59 -5.92 -15.14
O9A COA C . -11.44 -4.77 -14.85
C4B COA C . -14.49 -5.79 -11.51
O4B COA C . -13.82 -5.52 -10.17
C5B COA C . -15.80 -6.55 -11.32
O5B COA C . -16.65 -5.83 -10.43
P1A COA C . -17.96 -5.12 -10.99
O1A COA C . -17.78 -4.76 -12.46
O2A COA C . -19.14 -6.08 -10.84
O3A COA C . -18.26 -3.81 -10.16
H2A COA C . -9.41 -10.17 -8.10
H61A COA C . -12.53 -10.27 -4.44
H62A COA C . -11.47 -11.23 -5.10
H8A COA C . -14.81 -6.66 -8.06
H1B COA C . -11.86 -6.32 -10.00
H2B COA C . -13.53 -8.21 -10.79
HO2A COA C . -11.36 -7.54 -12.18
H3B COA C . -14.04 -7.11 -12.83
H4B COA C . -14.64 -4.93 -12.00
H51A COA C . -15.60 -7.46 -10.94
H52A COA C . -16.25 -6.64 -12.20
#